data_2UZ9
#
_entry.id   2UZ9
#
_cell.length_a   91.735
_cell.length_b   85.713
_cell.length_c   78.960
_cell.angle_alpha   90.00
_cell.angle_beta   116.49
_cell.angle_gamma   90.00
#
_symmetry.space_group_name_H-M   'C 1 2 1'
#
loop_
_entity.id
_entity.type
_entity.pdbx_description
1 polymer 'GUANINE DEAMINASE'
2 non-polymer 'ZINC ION'
3 non-polymer XANTHINE
4 water water
#
_entity_poly.entity_id   1
_entity_poly.type   'polypeptide(L)'
_entity_poly.pdbx_seq_one_letter_code
;MHHHHHHSSGVDLGTENLYFQSMCAAQMPPLAHIFRGTFVHSTWTCPMEVLRDHLLGVSDSGKIVFLEEASQQEKLAKEW
CFKPCEIRELSHHEFFMPGLVDTHIHASQYSFAGSSIDLPLLEWLTKYTFPAEHRFQNIDFAEEVYTRVVRRTLKNGTTT
ACYFATIHTDSSLLLADITDKFGQRAFVGKVCMDLNDTFPEYKETTEESIKETERFVSEMLQKNYSRVKPIVTPRFSLSC
SETLMGELGNIAKTRDLHIQSHISENRDEVEAVKNLYPSYKNYTSVYDKNNLLTNKTVMAHGCYLSAEELNVFHERGASI
AHCPNSNLSLSSGFLNVLEVLKHEVKIGLGTDVAGGYSYSMLDAIRRAVMVSNILLINKVNEKSLTLKEVFRLATLGGSQ
ALGLDGEIGNFEVGKEFDAILINPKASDSPIDLFYGDFFGDISEAVIQKFLYLGDDRNIEEVYVGGKQVVPFSSSV
;
_entity_poly.pdbx_strand_id   A
#
# COMPACT_ATOMS: atom_id res chain seq x y z
N PRO A 30 -31.39 7.84 -4.26
CA PRO A 30 -31.20 7.19 -2.95
C PRO A 30 -29.83 6.54 -2.75
N LEU A 31 -29.66 5.94 -1.58
CA LEU A 31 -28.45 5.23 -1.19
C LEU A 31 -28.13 4.10 -2.17
N ALA A 32 -26.83 3.88 -2.40
CA ALA A 32 -26.38 2.81 -3.29
C ALA A 32 -26.45 1.46 -2.59
N HIS A 33 -26.15 1.46 -1.30
CA HIS A 33 -26.14 0.22 -0.52
C HIS A 33 -26.52 0.51 0.93
N ILE A 34 -27.25 -0.42 1.54
CA ILE A 34 -27.37 -0.51 3.00
C ILE A 34 -26.98 -1.94 3.39
N PHE A 35 -25.98 -2.09 4.25
CA PHE A 35 -25.51 -3.43 4.65
C PHE A 35 -25.85 -3.63 6.11
N ARG A 36 -26.19 -4.86 6.46
CA ARG A 36 -26.36 -5.25 7.83
C ARG A 36 -25.47 -6.45 8.12
N GLY A 37 -24.74 -6.39 9.23
CA GLY A 37 -23.77 -7.41 9.58
C GLY A 37 -22.62 -6.90 10.44
N THR A 38 -21.61 -7.74 10.61
CA THR A 38 -20.45 -7.34 11.40
C THR A 38 -19.41 -6.62 10.50
N PHE A 39 -18.84 -5.58 11.11
CA PHE A 39 -17.87 -4.66 10.50
C PHE A 39 -16.64 -4.70 11.41
N VAL A 40 -15.49 -4.94 10.79
CA VAL A 40 -14.24 -5.05 11.51
C VAL A 40 -13.28 -3.99 10.96
N HIS A 41 -12.87 -3.08 11.83
CA HIS A 41 -12.02 -1.98 11.39
C HIS A 41 -11.17 -1.48 12.54
N SER A 42 -10.36 -0.47 12.25
CA SER A 42 -9.46 0.16 13.21
C SER A 42 -9.79 1.64 13.37
N THR A 43 -9.52 2.13 14.58
CA THR A 43 -9.58 3.56 14.88
C THR A 43 -8.19 3.99 15.39
N TRP A 44 -8.05 5.27 15.71
CA TRP A 44 -6.81 5.79 16.24
C TRP A 44 -6.59 5.44 17.70
N THR A 45 -7.64 4.94 18.35
CA THR A 45 -7.56 4.57 19.77
C THR A 45 -7.78 3.06 19.96
N CYS A 46 -8.16 2.35 18.90
CA CYS A 46 -8.39 0.90 19.02
C CYS A 46 -7.89 0.12 17.78
N PRO A 47 -6.88 -0.76 17.95
CA PRO A 47 -6.31 -1.52 16.80
C PRO A 47 -7.33 -2.32 15.99
N MET A 48 -8.28 -2.99 16.67
CA MET A 48 -9.37 -3.70 16.00
C MET A 48 -10.69 -3.54 16.76
N GLU A 49 -11.60 -2.75 16.19
CA GLU A 49 -12.98 -2.62 16.68
C GLU A 49 -13.90 -3.53 15.87
N VAL A 50 -14.57 -4.48 16.56
CA VAL A 50 -15.54 -5.37 15.91
C VAL A 50 -16.96 -4.88 16.22
N LEU A 51 -17.67 -4.47 15.16
CA LEU A 51 -18.97 -3.83 15.28
C LEU A 51 -20.03 -4.81 14.79
N ARG A 52 -20.67 -5.51 15.73
CA ARG A 52 -21.60 -6.60 15.41
C ARG A 52 -23.03 -6.13 15.17
N ASP A 53 -23.69 -6.79 14.24
CA ASP A 53 -25.04 -6.43 13.80
C ASP A 53 -25.26 -4.91 13.68
N HIS A 54 -24.52 -4.33 12.73
CA HIS A 54 -24.62 -2.91 12.48
C HIS A 54 -25.24 -2.67 11.11
N LEU A 55 -25.61 -1.42 10.90
CA LEU A 55 -26.11 -0.99 9.60
C LEU A 55 -25.19 0.09 9.09
N LEU A 56 -24.69 -0.10 7.86
CA LEU A 56 -23.84 0.88 7.21
C LEU A 56 -24.48 1.28 5.91
N GLY A 57 -24.65 2.59 5.68
CA GLY A 57 -25.21 3.10 4.42
C GLY A 57 -24.15 3.77 3.56
N VAL A 58 -24.21 3.49 2.25
CA VAL A 58 -23.28 4.06 1.28
C VAL A 58 -24.05 4.89 0.26
N SER A 59 -23.65 6.14 0.10
CA SER A 59 -24.35 7.04 -0.82
C SER A 59 -24.04 6.72 -2.27
N ASP A 60 -24.77 7.38 -3.16
CA ASP A 60 -24.63 7.19 -4.60
C ASP A 60 -23.26 7.69 -5.05
N SER A 61 -22.67 8.58 -4.25
CA SER A 61 -21.34 9.16 -4.53
C SER A 61 -20.19 8.30 -3.98
N GLY A 62 -20.50 7.38 -3.07
CA GLY A 62 -19.52 6.39 -2.61
C GLY A 62 -19.14 6.49 -1.15
N LYS A 63 -19.76 7.41 -0.42
CA LYS A 63 -19.39 7.70 0.95
C LYS A 63 -20.24 6.93 1.94
N ILE A 64 -19.59 6.56 3.04
CA ILE A 64 -20.27 6.01 4.22
C ILE A 64 -21.09 7.16 4.79
N VAL A 65 -22.40 6.94 4.86
CA VAL A 65 -23.36 8.01 5.05
C VAL A 65 -23.94 7.88 6.46
N PHE A 66 -23.97 6.65 6.96
CA PHE A 66 -24.18 6.36 8.38
C PHE A 66 -23.60 4.98 8.70
N LEU A 67 -23.31 4.76 9.98
CA LEU A 67 -22.94 3.46 10.51
C LEU A 67 -23.46 3.39 11.95
N GLU A 68 -24.43 2.51 12.20
CA GLU A 68 -25.01 2.33 13.55
C GLU A 68 -25.47 0.93 13.85
N GLU A 69 -25.71 0.67 15.12
CA GLU A 69 -26.37 -0.58 15.56
C GLU A 69 -27.67 -0.81 14.78
N ALA A 70 -28.01 -2.06 14.50
CA ALA A 70 -29.23 -2.39 13.74
C ALA A 70 -30.52 -1.97 14.48
N SER A 71 -30.42 -1.72 15.78
CA SER A 71 -31.52 -1.19 16.59
C SER A 71 -32.05 0.15 16.05
N GLN A 72 -31.20 0.89 15.34
CA GLN A 72 -31.60 2.17 14.75
C GLN A 72 -32.19 2.01 13.36
N GLN A 73 -32.52 0.79 12.94
CA GLN A 73 -33.04 0.58 11.59
C GLN A 73 -34.28 1.43 11.32
N GLU A 74 -35.15 1.56 12.31
CA GLU A 74 -36.38 2.35 12.20
C GLU A 74 -36.05 3.81 11.94
N LYS A 75 -35.33 4.44 12.86
CA LYS A 75 -34.94 5.85 12.75
C LYS A 75 -34.18 6.17 11.46
N LEU A 76 -33.39 5.20 10.97
CA LEU A 76 -32.55 5.40 9.77
C LEU A 76 -33.37 5.24 8.49
N ALA A 77 -34.28 4.28 8.47
CA ALA A 77 -35.20 4.13 7.34
C ALA A 77 -36.07 5.40 7.11
N LYS A 78 -36.45 6.08 8.20
CA LYS A 78 -37.16 7.38 8.14
C LYS A 78 -36.27 8.49 7.61
N GLU A 79 -35.15 8.72 8.30
CA GLU A 79 -34.15 9.69 7.87
C GLU A 79 -33.75 9.55 6.42
N TRP A 80 -33.29 8.36 6.06
CA TRP A 80 -32.60 8.14 4.79
C TRP A 80 -33.54 7.64 3.71
N CYS A 81 -34.80 7.45 4.06
CA CYS A 81 -35.85 7.10 3.09
C CYS A 81 -35.50 5.85 2.31
N PHE A 82 -35.30 4.76 3.05
CA PHE A 82 -35.15 3.42 2.46
C PHE A 82 -36.12 2.45 3.13
N LYS A 83 -36.56 1.46 2.35
CA LYS A 83 -37.38 0.34 2.85
C LYS A 83 -36.48 -0.83 3.29
N PRO A 84 -36.81 -1.48 4.44
CA PRO A 84 -36.08 -2.64 4.97
C PRO A 84 -35.67 -3.72 3.94
N CYS A 85 -36.47 -3.92 2.91
CA CYS A 85 -36.14 -4.87 1.84
C CYS A 85 -34.99 -4.38 0.97
N GLU A 86 -34.54 -3.16 1.20
CA GLU A 86 -33.39 -2.63 0.47
C GLU A 86 -32.07 -2.90 1.22
N ILE A 87 -32.18 -3.21 2.52
CA ILE A 87 -31.04 -3.62 3.31
C ILE A 87 -30.51 -4.96 2.81
N ARG A 88 -29.20 -5.05 2.62
CA ARG A 88 -28.55 -6.33 2.36
C ARG A 88 -27.99 -6.85 3.67
N GLU A 89 -28.48 -8.01 4.09
CA GLU A 89 -28.05 -8.62 5.32
C GLU A 89 -26.96 -9.67 5.01
N LEU A 90 -25.81 -9.51 5.69
CA LEU A 90 -24.67 -10.39 5.50
C LEU A 90 -24.96 -11.68 6.22
N SER A 91 -24.33 -12.77 5.77
CA SER A 91 -24.34 -14.01 6.52
C SER A 91 -23.84 -13.75 7.93
N HIS A 92 -24.37 -14.55 8.85
CA HIS A 92 -24.03 -14.50 10.25
C HIS A 92 -22.53 -14.79 10.52
N HIS A 93 -21.85 -15.49 9.61
CA HIS A 93 -20.40 -15.76 9.75
C HIS A 93 -19.48 -14.92 8.80
N GLU A 94 -20.07 -13.93 8.10
CA GLU A 94 -19.39 -12.99 7.23
C GLU A 94 -19.18 -11.66 7.94
N PHE A 95 -18.14 -10.93 7.50
CA PHE A 95 -17.86 -9.59 7.98
C PHE A 95 -17.23 -8.73 6.88
N PHE A 96 -17.53 -7.43 6.94
CA PHE A 96 -16.88 -6.40 6.12
C PHE A 96 -15.65 -5.91 6.89
N MET A 97 -14.55 -5.66 6.18
CA MET A 97 -13.43 -4.88 6.69
C MET A 97 -12.95 -3.88 5.64
N PRO A 98 -12.18 -2.87 6.07
CA PRO A 98 -11.63 -1.96 5.10
C PRO A 98 -10.70 -2.64 4.08
N GLY A 99 -10.71 -2.13 2.86
CA GLY A 99 -9.79 -2.57 1.85
C GLY A 99 -8.36 -2.40 2.36
N LEU A 100 -7.51 -3.34 1.97
CA LEU A 100 -6.10 -3.35 2.32
C LEU A 100 -5.34 -2.33 1.51
N VAL A 101 -4.43 -1.60 2.16
CA VAL A 101 -3.66 -0.51 1.52
C VAL A 101 -2.16 -0.86 1.37
N ASP A 102 -1.79 -1.16 0.12
CA ASP A 102 -0.42 -1.50 -0.28
C ASP A 102 0.36 -0.23 -0.52
N THR A 103 1.20 0.14 0.44
CA THR A 103 1.89 1.43 0.36
C THR A 103 3.19 1.35 -0.46
N HIS A 104 3.55 0.15 -0.95
CA HIS A 104 4.72 -0.04 -1.79
C HIS A 104 4.78 -1.36 -2.61
N ILE A 105 4.66 -1.24 -3.92
CA ILE A 105 4.54 -2.41 -4.79
C ILE A 105 5.05 -2.03 -6.17
N HIS A 106 5.93 -2.84 -6.75
CA HIS A 106 6.38 -2.62 -8.15
C HIS A 106 5.56 -3.43 -9.16
N ALA A 107 4.57 -2.75 -9.73
CA ALA A 107 3.67 -3.28 -10.75
C ALA A 107 4.42 -3.97 -11.87
N SER A 108 5.49 -3.31 -12.33
CA SER A 108 6.37 -3.79 -13.40
C SER A 108 7.23 -5.01 -13.10
N GLN A 109 7.21 -5.48 -11.84
CA GLN A 109 7.97 -6.68 -11.43
C GLN A 109 7.06 -7.89 -11.20
N TYR A 110 5.75 -7.73 -11.39
CA TYR A 110 4.79 -8.80 -11.18
C TYR A 110 5.04 -10.05 -12.04
N SER A 111 5.62 -9.83 -13.22
CA SER A 111 6.00 -10.89 -14.12
C SER A 111 6.83 -12.00 -13.47
N PHE A 112 7.72 -11.65 -12.55
CA PHE A 112 8.60 -12.64 -11.93
C PHE A 112 8.36 -12.80 -10.41
N ALA A 113 7.28 -12.23 -9.88
CA ALA A 113 6.88 -12.39 -8.47
C ALA A 113 6.68 -13.87 -8.18
N GLY A 114 7.19 -14.32 -7.03
CA GLY A 114 7.21 -15.75 -6.65
C GLY A 114 8.48 -16.44 -7.12
N SER A 115 9.43 -15.65 -7.57
CA SER A 115 10.62 -16.11 -8.24
C SER A 115 11.81 -15.24 -7.77
N SER A 116 13.00 -15.82 -7.83
CA SER A 116 14.23 -15.02 -7.91
C SER A 116 14.61 -14.21 -6.68
N ILE A 117 14.20 -14.64 -5.50
CA ILE A 117 14.56 -13.92 -4.26
C ILE A 117 15.77 -14.63 -3.65
N ASP A 118 16.89 -14.57 -4.36
CA ASP A 118 18.09 -15.35 -4.01
C ASP A 118 19.41 -14.59 -4.21
N LEU A 119 19.34 -13.27 -4.18
CA LEU A 119 20.51 -12.39 -4.24
C LEU A 119 20.14 -11.18 -3.40
N PRO A 120 21.12 -10.55 -2.72
CA PRO A 120 20.76 -9.35 -1.94
C PRO A 120 20.50 -8.16 -2.86
N LEU A 121 19.87 -7.13 -2.30
CA LEU A 121 19.23 -6.07 -3.08
C LEU A 121 19.97 -5.71 -4.35
N LEU A 122 21.22 -5.28 -4.20
CA LEU A 122 21.94 -4.62 -5.30
C LEU A 122 22.31 -5.60 -6.45
N GLU A 123 22.74 -6.81 -6.12
CA GLU A 123 22.97 -7.83 -7.14
C GLU A 123 21.63 -8.32 -7.74
N TRP A 124 20.62 -8.44 -6.88
CA TRP A 124 19.22 -8.75 -7.29
C TRP A 124 18.74 -7.77 -8.38
N LEU A 125 18.90 -6.47 -8.13
CA LEU A 125 18.56 -5.43 -9.08
C LEU A 125 19.23 -5.60 -10.46
N THR A 126 20.53 -5.93 -10.45
CA THR A 126 21.28 -6.01 -11.70
C THR A 126 20.82 -7.23 -12.53
N LYS A 127 20.65 -8.35 -11.84
CA LYS A 127 20.36 -9.63 -12.47
C LYS A 127 18.89 -9.81 -12.94
N TYR A 128 17.92 -9.33 -12.15
CA TYR A 128 16.49 -9.60 -12.42
C TYR A 128 15.70 -8.35 -12.77
N THR A 129 15.79 -7.35 -11.90
CA THR A 129 14.86 -6.24 -11.87
C THR A 129 15.03 -5.29 -13.05
N PHE A 130 16.26 -4.87 -13.31
CA PHE A 130 16.52 -3.94 -14.43
C PHE A 130 16.22 -4.54 -15.81
N PRO A 131 16.64 -5.77 -16.09
CA PRO A 131 16.20 -6.43 -17.36
C PRO A 131 14.68 -6.58 -17.47
N ALA A 132 14.01 -6.84 -16.36
CA ALA A 132 12.57 -6.96 -16.32
C ALA A 132 11.89 -5.65 -16.64
N GLU A 133 12.27 -4.57 -15.95
CA GLU A 133 11.63 -3.27 -16.18
C GLU A 133 12.00 -2.69 -17.54
N HIS A 134 13.13 -3.14 -18.08
CA HIS A 134 13.61 -2.75 -19.42
C HIS A 134 12.67 -3.25 -20.53
N ARG A 135 11.95 -4.33 -20.26
CA ARG A 135 10.97 -4.89 -21.21
C ARG A 135 9.76 -3.97 -21.46
N PHE A 136 9.56 -3.01 -20.56
CA PHE A 136 8.37 -2.15 -20.59
C PHE A 136 8.43 -1.03 -21.63
N GLN A 137 9.56 -0.89 -22.31
CA GLN A 137 9.64 -0.06 -23.54
C GLN A 137 8.60 -0.57 -24.56
N ASN A 138 8.36 -1.89 -24.60
CA ASN A 138 7.23 -2.49 -25.33
C ASN A 138 5.92 -2.31 -24.59
N ILE A 139 4.99 -1.58 -25.19
CA ILE A 139 3.75 -1.23 -24.51
C ILE A 139 2.72 -2.37 -24.46
N ASP A 140 2.88 -3.38 -25.31
CA ASP A 140 1.98 -4.55 -25.28
C ASP A 140 2.40 -5.54 -24.19
N PHE A 141 3.69 -5.59 -23.90
CA PHE A 141 4.18 -6.34 -22.75
C PHE A 141 3.71 -5.66 -21.45
N ALA A 142 3.82 -4.33 -21.39
CA ALA A 142 3.31 -3.52 -20.28
C ALA A 142 1.84 -3.80 -19.99
N GLU A 143 1.03 -3.87 -21.05
CA GLU A 143 -0.39 -4.09 -20.88
C GLU A 143 -0.68 -5.44 -20.24
N GLU A 144 0.04 -6.49 -20.65
CA GLU A 144 -0.20 -7.80 -20.07
C GLU A 144 0.11 -7.83 -18.57
N VAL A 145 1.35 -7.47 -18.21
CA VAL A 145 1.80 -7.59 -16.84
C VAL A 145 0.97 -6.69 -15.94
N TYR A 146 0.80 -5.45 -16.33
CA TYR A 146 0.02 -4.50 -15.54
C TYR A 146 -1.48 -4.87 -15.38
N THR A 147 -2.07 -5.48 -16.40
CA THR A 147 -3.45 -5.94 -16.29
C THR A 147 -3.52 -7.06 -15.25
N ARG A 148 -2.54 -7.95 -15.25
CA ARG A 148 -2.53 -9.05 -14.27
C ARG A 148 -2.35 -8.63 -12.80
N VAL A 149 -1.49 -7.66 -12.51
CA VAL A 149 -1.19 -7.26 -11.11
C VAL A 149 -2.31 -6.42 -10.52
N VAL A 150 -2.94 -5.57 -11.33
CA VAL A 150 -4.11 -4.81 -10.90
C VAL A 150 -5.22 -5.78 -10.54
N ARG A 151 -5.49 -6.73 -11.40
CA ARG A 151 -6.56 -7.70 -11.15
C ARG A 151 -6.21 -8.60 -9.99
N ARG A 152 -5.00 -9.17 -10.00
CA ARG A 152 -4.54 -10.02 -8.90
C ARG A 152 -4.60 -9.35 -7.52
N THR A 153 -4.18 -8.08 -7.44
CA THR A 153 -4.13 -7.40 -6.15
C THR A 153 -5.55 -7.04 -5.66
N LEU A 154 -6.42 -6.68 -6.60
CA LEU A 154 -7.84 -6.46 -6.33
C LEU A 154 -8.55 -7.71 -5.82
N LYS A 155 -8.30 -8.87 -6.41
CA LYS A 155 -8.98 -10.06 -5.95
C LYS A 155 -8.47 -10.56 -4.59
N ASN A 156 -7.35 -9.99 -4.14
CA ASN A 156 -6.81 -10.28 -2.83
C ASN A 156 -7.09 -9.15 -1.84
N GLY A 157 -8.00 -8.24 -2.19
CA GLY A 157 -8.48 -7.19 -1.30
C GLY A 157 -7.67 -5.91 -1.19
N THR A 158 -6.71 -5.69 -2.10
CA THR A 158 -5.96 -4.44 -2.14
C THR A 158 -6.74 -3.41 -2.93
N THR A 159 -7.33 -2.46 -2.21
CA THR A 159 -8.20 -1.45 -2.82
C THR A 159 -7.43 -0.21 -3.20
N THR A 160 -6.34 0.06 -2.46
CA THR A 160 -5.41 1.16 -2.74
C THR A 160 -4.01 0.58 -2.88
N ALA A 161 -3.38 0.82 -4.04
CA ALA A 161 -1.96 0.49 -4.24
C ALA A 161 -1.10 1.73 -4.53
N CYS A 162 0.09 1.80 -3.92
CA CYS A 162 1.06 2.83 -4.32
C CYS A 162 2.13 2.16 -5.18
N TYR A 163 2.03 2.41 -6.48
CA TYR A 163 2.81 1.70 -7.50
C TYR A 163 4.05 2.43 -7.99
N PHE A 164 5.16 1.68 -8.03
CA PHE A 164 6.31 1.98 -8.86
C PHE A 164 6.02 1.33 -10.22
N ALA A 165 6.09 2.14 -11.30
CA ALA A 165 5.98 1.55 -12.64
C ALA A 165 7.40 1.29 -13.15
N THR A 166 7.77 1.93 -14.25
CA THR A 166 9.13 1.88 -14.79
C THR A 166 9.51 3.29 -15.25
N ILE A 167 10.69 3.44 -15.83
CA ILE A 167 11.15 4.74 -16.36
C ILE A 167 10.37 5.27 -17.58
N HIS A 168 9.68 4.39 -18.29
CA HIS A 168 8.91 4.75 -19.49
C HIS A 168 7.59 5.46 -19.16
N THR A 169 7.44 6.71 -19.60
CA THR A 169 6.24 7.49 -19.26
C THR A 169 4.98 6.88 -19.86
N ASP A 170 5.07 6.38 -21.10
CA ASP A 170 3.88 5.94 -21.83
C ASP A 170 3.33 4.63 -21.28
N SER A 171 4.22 3.69 -20.99
CA SER A 171 3.84 2.42 -20.34
C SER A 171 3.31 2.62 -18.93
N SER A 172 3.80 3.66 -18.26
CA SER A 172 3.41 3.97 -16.88
C SER A 172 2.05 4.66 -16.92
N LEU A 173 1.80 5.39 -18.00
CA LEU A 173 0.49 6.01 -18.23
C LEU A 173 -0.58 4.95 -18.44
N LEU A 174 -0.22 3.85 -19.11
CA LEU A 174 -1.09 2.70 -19.30
C LEU A 174 -1.45 2.05 -17.97
N LEU A 175 -0.46 1.85 -17.09
CA LEU A 175 -0.77 1.37 -15.73
C LEU A 175 -1.85 2.25 -15.05
N ALA A 176 -1.75 3.56 -15.16
CA ALA A 176 -2.78 4.45 -14.61
C ALA A 176 -4.15 4.18 -15.26
N ASP A 177 -4.15 4.01 -16.58
CA ASP A 177 -5.36 3.73 -17.34
C ASP A 177 -5.97 2.39 -16.93
N ILE A 178 -5.11 1.39 -16.75
CA ILE A 178 -5.54 0.06 -16.32
C ILE A 178 -6.14 0.05 -14.90
N THR A 179 -5.55 0.79 -13.96
CA THR A 179 -6.11 0.83 -12.59
C THR A 179 -7.46 1.56 -12.60
N ASP A 180 -7.58 2.60 -13.41
CA ASP A 180 -8.84 3.30 -13.59
C ASP A 180 -9.93 2.37 -14.13
N LYS A 181 -9.62 1.68 -15.23
CA LYS A 181 -10.50 0.70 -15.84
C LYS A 181 -11.03 -0.34 -14.85
N PHE A 182 -10.19 -0.82 -13.94
CA PHE A 182 -10.63 -1.79 -12.93
C PHE A 182 -11.20 -1.20 -11.61
N GLY A 183 -11.07 0.10 -11.42
CA GLY A 183 -11.61 0.76 -10.24
C GLY A 183 -10.77 0.64 -8.96
N GLN A 184 -9.49 0.30 -9.11
CA GLN A 184 -8.51 0.38 -8.01
C GLN A 184 -8.09 1.81 -7.74
N ARG A 185 -8.02 2.16 -6.46
CA ARG A 185 -7.42 3.43 -6.06
C ARG A 185 -5.87 3.30 -6.08
N ALA A 186 -5.17 4.28 -6.63
CA ALA A 186 -3.72 4.16 -6.78
C ALA A 186 -2.99 5.48 -6.92
N PHE A 187 -1.69 5.40 -6.66
CA PHE A 187 -0.70 6.35 -7.11
C PHE A 187 0.12 5.54 -8.11
N VAL A 188 0.39 6.15 -9.27
CA VAL A 188 1.23 5.54 -10.29
C VAL A 188 2.44 6.44 -10.48
N GLY A 189 3.63 5.84 -10.42
CA GLY A 189 4.86 6.59 -10.40
C GLY A 189 5.75 6.15 -11.51
N LYS A 190 5.95 7.05 -12.47
CA LYS A 190 7.01 6.93 -13.48
C LYS A 190 8.38 7.07 -12.76
N VAL A 191 9.14 5.98 -12.79
CA VAL A 191 10.41 5.88 -12.08
C VAL A 191 11.44 6.77 -12.78
N CYS A 192 12.22 7.51 -11.99
CA CYS A 192 13.30 8.33 -12.51
C CYS A 192 14.66 7.76 -12.12
N MET A 193 15.47 7.46 -13.12
CA MET A 193 16.85 7.05 -12.89
C MET A 193 17.78 7.58 -13.98
N ASP A 194 18.73 8.43 -13.59
CA ASP A 194 19.78 8.90 -14.52
C ASP A 194 21.19 8.34 -14.18
N LEU A 195 21.32 7.52 -13.13
CA LEU A 195 22.53 6.73 -12.87
C LEU A 195 22.21 5.24 -12.90
N ASN A 196 22.94 4.45 -13.69
CA ASN A 196 22.80 2.97 -13.69
C ASN A 196 24.06 2.29 -14.26
N ASP A 197 25.05 2.05 -13.41
CA ASP A 197 26.35 1.55 -13.86
C ASP A 197 26.32 0.08 -14.22
N THR A 198 25.63 -0.72 -13.42
CA THR A 198 25.60 -2.17 -13.63
C THR A 198 24.70 -2.64 -14.80
N PHE A 199 23.81 -1.77 -15.27
CA PHE A 199 22.89 -2.06 -16.40
C PHE A 199 22.55 -0.74 -17.13
N PRO A 200 23.56 -0.10 -17.77
CA PRO A 200 23.43 1.26 -18.36
C PRO A 200 22.34 1.42 -19.42
N GLU A 201 21.91 0.33 -20.04
CA GLU A 201 20.79 0.35 -20.97
C GLU A 201 19.51 0.87 -20.33
N TYR A 202 19.29 0.54 -19.06
CA TYR A 202 18.08 0.95 -18.37
C TYR A 202 18.34 2.19 -17.54
N LYS A 203 18.38 3.33 -18.23
CA LYS A 203 18.49 4.61 -17.57
C LYS A 203 18.10 5.73 -18.52
N GLU A 204 18.01 6.93 -17.95
CA GLU A 204 17.67 8.13 -18.69
C GLU A 204 18.84 9.10 -18.57
N THR A 205 18.78 10.19 -19.32
CA THR A 205 19.61 11.37 -19.05
C THR A 205 18.84 12.19 -18.02
N THR A 206 19.53 13.13 -17.38
CA THR A 206 18.91 14.01 -16.41
C THR A 206 17.81 14.82 -17.03
N GLU A 207 18.09 15.37 -18.20
CA GLU A 207 17.15 16.24 -18.91
C GLU A 207 15.89 15.45 -19.30
N GLU A 208 16.12 14.33 -19.97
CA GLU A 208 15.07 13.37 -20.35
C GLU A 208 14.20 12.96 -19.17
N SER A 209 14.84 12.62 -18.06
CA SER A 209 14.12 12.17 -16.87
C SER A 209 13.21 13.23 -16.31
N ILE A 210 13.65 14.48 -16.35
CA ILE A 210 12.88 15.61 -15.84
C ILE A 210 11.75 15.96 -16.81
N LYS A 211 12.03 15.95 -18.10
CA LYS A 211 11.03 16.29 -19.10
C LYS A 211 9.93 15.25 -19.16
N GLU A 212 10.33 13.99 -19.05
CA GLU A 212 9.39 12.90 -19.10
C GLU A 212 8.53 12.78 -17.83
N THR A 213 9.05 13.21 -16.70
CA THR A 213 8.27 13.28 -15.46
C THR A 213 7.19 14.33 -15.56
N GLU A 214 7.53 15.44 -16.20
N GLU A 214 7.53 15.46 -16.18
CA GLU A 214 6.61 16.57 -16.39
CA GLU A 214 6.59 16.56 -16.40
C GLU A 214 5.52 16.19 -17.40
C GLU A 214 5.51 16.14 -17.39
N ARG A 215 5.90 15.47 -18.46
CA ARG A 215 4.95 14.96 -19.43
C ARG A 215 4.01 13.93 -18.77
N PHE A 216 4.59 12.98 -18.03
CA PHE A 216 3.82 12.00 -17.28
C PHE A 216 2.78 12.66 -16.38
N VAL A 217 3.19 13.64 -15.55
CA VAL A 217 2.28 14.33 -14.63
C VAL A 217 1.19 15.13 -15.37
N SER A 218 1.60 15.81 -16.43
CA SER A 218 0.71 16.63 -17.25
C SER A 218 -0.34 15.77 -17.96
N GLU A 219 0.09 14.65 -18.56
CA GLU A 219 -0.84 13.73 -19.22
C GLU A 219 -1.73 12.95 -18.25
N MET A 220 -1.24 12.72 -17.03
CA MET A 220 -2.06 12.10 -15.97
C MET A 220 -3.18 13.04 -15.58
N LEU A 221 -2.84 14.30 -15.36
CA LEU A 221 -3.80 15.27 -14.87
C LEU A 221 -4.82 15.62 -15.95
N GLN A 222 -4.40 15.58 -17.22
CA GLN A 222 -5.34 15.77 -18.34
C GLN A 222 -6.43 14.68 -18.35
N LYS A 223 -6.09 13.47 -17.95
CA LYS A 223 -7.06 12.35 -17.88
C LYS A 223 -8.14 12.53 -16.82
N ASN A 224 -7.85 13.32 -15.79
N ASN A 224 -7.86 13.28 -15.76
CA ASN A 224 -8.79 13.60 -14.70
CA ASN A 224 -8.87 13.61 -14.76
C ASN A 224 -9.45 12.32 -14.16
C ASN A 224 -9.47 12.33 -14.11
N TYR A 225 -8.61 11.35 -13.83
CA TYR A 225 -9.05 10.08 -13.22
C TYR A 225 -9.64 10.36 -11.86
N SER A 226 -10.65 9.60 -11.44
CA SER A 226 -11.31 9.84 -10.12
C SER A 226 -10.37 9.54 -8.96
N ARG A 227 -9.64 8.43 -9.08
CA ARG A 227 -8.87 7.96 -7.94
C ARG A 227 -7.52 7.33 -8.26
N VAL A 228 -6.93 7.68 -9.40
CA VAL A 228 -5.54 7.31 -9.71
C VAL A 228 -4.73 8.59 -9.91
N LYS A 229 -3.69 8.78 -9.11
CA LYS A 229 -2.90 10.01 -9.12
C LYS A 229 -1.45 9.75 -9.51
N PRO A 230 -0.75 10.77 -10.05
CA PRO A 230 0.69 10.64 -10.26
C PRO A 230 1.45 10.81 -8.95
N ILE A 231 2.55 10.06 -8.81
CA ILE A 231 3.45 10.16 -7.67
C ILE A 231 4.91 10.36 -8.17
N VAL A 232 5.61 11.34 -7.60
CA VAL A 232 6.99 11.64 -8.01
C VAL A 232 7.87 10.51 -7.49
N THR A 233 8.58 9.87 -8.41
CA THR A 233 9.23 8.60 -8.12
C THR A 233 10.71 8.58 -8.49
N PRO A 234 11.55 9.26 -7.70
CA PRO A 234 12.99 8.96 -7.83
C PRO A 234 13.21 7.53 -7.35
N ARG A 235 13.91 6.73 -8.15
CA ARG A 235 14.05 5.33 -7.79
C ARG A 235 14.68 5.17 -6.40
N PHE A 236 15.88 5.74 -6.25
CA PHE A 236 16.53 5.92 -4.96
C PHE A 236 17.83 6.69 -5.19
N SER A 237 18.53 7.06 -4.13
CA SER A 237 19.72 7.91 -4.23
C SER A 237 20.76 7.40 -5.23
N LEU A 238 20.97 6.09 -5.22
CA LEU A 238 21.96 5.47 -6.07
C LEU A 238 21.67 5.68 -7.57
N SER A 239 20.38 5.82 -7.92
CA SER A 239 19.93 5.95 -9.29
C SER A 239 19.80 7.39 -9.75
N CYS A 240 19.89 8.34 -8.83
CA CYS A 240 19.56 9.73 -9.14
C CYS A 240 20.64 10.70 -8.67
N SER A 241 21.17 11.47 -9.63
CA SER A 241 22.05 12.60 -9.34
C SER A 241 21.36 13.65 -8.49
N GLU A 242 22.16 14.59 -7.97
CA GLU A 242 21.65 15.69 -7.16
C GLU A 242 20.78 16.59 -7.99
N THR A 243 21.18 16.81 -9.25
CA THR A 243 20.40 17.66 -10.16
C THR A 243 19.02 17.05 -10.31
N LEU A 244 18.98 15.77 -10.69
CA LEU A 244 17.75 15.02 -10.83
C LEU A 244 16.88 15.07 -9.57
N MET A 245 17.45 14.69 -8.43
CA MET A 245 16.75 14.74 -7.16
C MET A 245 16.14 16.10 -6.82
N GLY A 246 16.94 17.16 -6.95
CA GLY A 246 16.48 18.54 -6.67
C GLY A 246 15.33 18.95 -7.57
N GLU A 247 15.44 18.60 -8.85
CA GLU A 247 14.42 18.93 -9.84
C GLU A 247 13.13 18.15 -9.62
N LEU A 248 13.25 16.88 -9.25
CA LEU A 248 12.07 16.07 -8.90
C LEU A 248 11.40 16.64 -7.64
N GLY A 249 12.20 17.06 -6.67
CA GLY A 249 11.69 17.77 -5.50
C GLY A 249 10.94 19.04 -5.88
N ASN A 250 11.46 19.75 -6.88
N ASN A 250 11.45 19.74 -6.89
CA ASN A 250 10.81 20.95 -7.40
CA ASN A 250 10.80 20.96 -7.38
C ASN A 250 9.48 20.65 -8.12
C ASN A 250 9.49 20.67 -8.14
N ILE A 251 9.46 19.60 -8.92
CA ILE A 251 8.21 19.20 -9.61
C ILE A 251 7.16 18.82 -8.56
N ALA A 252 7.61 18.16 -7.50
CA ALA A 252 6.71 17.76 -6.43
C ALA A 252 6.14 18.99 -5.73
N LYS A 253 7.00 19.97 -5.45
CA LYS A 253 6.59 21.18 -4.73
C LYS A 253 5.73 22.12 -5.55
N THR A 254 6.18 22.44 -6.75
CA THR A 254 5.43 23.34 -7.61
C THR A 254 4.05 22.74 -7.97
N ARG A 255 4.00 21.42 -8.20
CA ARG A 255 2.74 20.76 -8.58
C ARG A 255 1.99 20.19 -7.39
N ASP A 256 2.57 20.29 -6.18
CA ASP A 256 1.90 19.80 -4.97
C ASP A 256 1.55 18.31 -5.07
N LEU A 257 2.58 17.50 -5.33
CA LEU A 257 2.42 16.06 -5.54
C LEU A 257 3.10 15.24 -4.45
N HIS A 258 2.70 13.97 -4.35
CA HIS A 258 3.34 12.99 -3.47
C HIS A 258 4.72 12.51 -4.01
N ILE A 259 5.57 12.06 -3.09
CA ILE A 259 6.87 11.50 -3.44
C ILE A 259 6.98 10.09 -2.87
N GLN A 260 7.50 9.16 -3.66
CA GLN A 260 7.92 7.84 -3.15
C GLN A 260 9.32 7.50 -3.57
N SER A 261 10.06 6.83 -2.67
CA SER A 261 11.38 6.29 -2.98
C SER A 261 11.70 5.21 -1.98
N HIS A 262 12.92 4.69 -2.03
CA HIS A 262 13.39 3.70 -1.05
C HIS A 262 14.44 4.29 -0.14
N ILE A 263 14.53 3.77 1.08
CA ILE A 263 15.56 4.22 2.02
C ILE A 263 16.06 3.09 2.91
N SER A 264 17.39 2.99 3.00
CA SER A 264 18.08 2.27 4.08
C SER A 264 17.54 0.84 4.26
N GLU A 265 17.42 0.15 3.14
CA GLU A 265 16.87 -1.19 3.06
C GLU A 265 17.89 -2.23 3.45
N ASN A 266 19.12 -2.01 2.98
CA ASN A 266 20.18 -2.99 3.00
C ASN A 266 21.49 -2.31 3.48
N ARG A 267 22.40 -3.03 4.10
CA ARG A 267 23.65 -2.41 4.63
C ARG A 267 24.63 -1.96 3.54
N ASP A 268 24.77 -2.74 2.47
CA ASP A 268 25.59 -2.34 1.32
C ASP A 268 25.00 -1.17 0.57
N GLU A 269 23.69 -1.14 0.42
CA GLU A 269 23.02 0.07 -0.07
C GLU A 269 23.42 1.32 0.76
N VAL A 270 23.32 1.21 2.08
CA VAL A 270 23.61 2.31 3.00
C VAL A 270 25.06 2.79 2.86
N GLU A 271 25.99 1.84 2.76
CA GLU A 271 27.39 2.16 2.47
C GLU A 271 27.58 2.72 1.06
N ALA A 272 26.87 2.19 0.09
CA ALA A 272 27.00 2.65 -1.29
C ALA A 272 26.53 4.11 -1.42
N VAL A 273 25.51 4.51 -0.67
CA VAL A 273 25.08 5.93 -0.60
C VAL A 273 26.09 6.80 0.18
N LYS A 274 26.72 6.23 1.19
CA LYS A 274 27.77 6.90 1.97
C LYS A 274 28.91 7.29 1.06
N ASN A 275 29.23 6.43 0.11
CA ASN A 275 30.37 6.64 -0.79
C ASN A 275 30.04 7.39 -2.06
N LEU A 276 28.81 7.28 -2.55
CA LEU A 276 28.37 8.11 -3.67
C LEU A 276 28.07 9.53 -3.22
N TYR A 277 27.57 9.68 -1.99
CA TYR A 277 27.15 10.96 -1.45
C TYR A 277 27.79 11.28 -0.06
N PRO A 278 29.14 11.34 -0.01
CA PRO A 278 29.89 11.41 1.27
C PRO A 278 29.79 12.76 1.99
N SER A 279 29.34 13.78 1.28
CA SER A 279 29.06 15.11 1.85
C SER A 279 27.78 15.20 2.69
N TYR A 280 26.96 14.14 2.70
CA TYR A 280 25.69 14.15 3.42
C TYR A 280 25.77 13.28 4.64
N LYS A 281 25.22 13.79 5.75
CA LYS A 281 25.37 13.16 7.05
C LYS A 281 24.84 11.73 7.07
N ASN A 282 23.78 11.49 6.31
CA ASN A 282 23.13 10.17 6.28
C ASN A 282 22.20 10.10 5.06
N TYR A 283 21.60 8.93 4.83
CA TYR A 283 20.68 8.70 3.67
C TYR A 283 19.49 9.67 3.70
N THR A 284 18.93 9.87 4.88
CA THR A 284 17.77 10.76 5.07
C THR A 284 18.08 12.18 4.66
N SER A 285 19.28 12.64 5.02
CA SER A 285 19.82 13.93 4.58
C SER A 285 20.01 14.08 3.07
N VAL A 286 20.50 13.03 2.40
CA VAL A 286 20.57 13.09 0.93
C VAL A 286 19.21 13.49 0.34
N TYR A 287 18.12 12.87 0.80
CA TYR A 287 16.77 13.18 0.29
C TYR A 287 16.28 14.52 0.81
N ASP A 288 16.39 14.72 2.10
CA ASP A 288 15.95 15.94 2.78
C ASP A 288 16.49 17.22 2.14
N LYS A 289 17.82 17.28 1.95
CA LYS A 289 18.47 18.45 1.35
C LYS A 289 18.20 18.68 -0.15
N ASN A 290 17.73 17.66 -0.87
CA ASN A 290 17.30 17.79 -2.27
C ASN A 290 15.77 17.81 -2.41
N ASN A 291 15.09 18.14 -1.32
CA ASN A 291 13.64 18.38 -1.31
C ASN A 291 12.76 17.17 -1.67
N LEU A 292 13.21 15.99 -1.29
CA LEU A 292 12.48 14.75 -1.50
C LEU A 292 12.09 14.09 -0.19
N LEU A 293 12.07 14.86 0.91
CA LEU A 293 11.52 14.40 2.19
C LEU A 293 10.53 15.45 2.71
N THR A 294 9.29 15.35 2.25
CA THR A 294 8.21 16.24 2.56
C THR A 294 7.07 15.51 3.27
N ASN A 295 5.98 16.20 3.54
CA ASN A 295 4.85 15.63 4.26
C ASN A 295 3.88 14.88 3.35
N LYS A 296 4.21 14.81 2.07
CA LYS A 296 3.58 13.87 1.14
C LYS A 296 4.59 12.84 0.60
N THR A 297 5.57 12.47 1.44
CA THR A 297 6.63 11.51 1.04
C THR A 297 6.45 10.15 1.73
N VAL A 298 6.48 9.06 0.94
CA VAL A 298 6.60 7.70 1.45
C VAL A 298 7.96 7.14 1.07
N MET A 299 8.62 6.51 2.03
CA MET A 299 9.91 5.86 1.79
C MET A 299 9.81 4.38 2.11
N ALA A 300 10.08 3.51 1.13
CA ALA A 300 10.05 2.07 1.36
C ALA A 300 11.17 1.62 2.30
N HIS A 301 10.85 0.62 3.12
CA HIS A 301 11.83 -0.17 3.90
C HIS A 301 12.25 0.42 5.23
N GLY A 302 13.18 1.37 5.20
CA GLY A 302 13.63 2.09 6.40
C GLY A 302 14.39 1.28 7.44
N CYS A 303 14.78 0.05 7.13
CA CYS A 303 15.46 -0.86 8.07
C CYS A 303 16.66 -0.31 8.82
N TYR A 304 17.49 0.50 8.17
CA TYR A 304 18.68 1.01 8.86
C TYR A 304 18.59 2.50 9.14
N LEU A 305 17.38 3.04 9.23
CA LEU A 305 17.21 4.42 9.73
C LEU A 305 17.59 4.48 11.22
N SER A 306 18.42 5.45 11.61
CA SER A 306 18.69 5.63 13.06
C SER A 306 17.52 6.38 13.71
N ALA A 307 17.57 6.46 15.03
CA ALA A 307 16.61 7.24 15.80
C ALA A 307 16.54 8.69 15.33
N GLU A 308 17.70 9.28 15.06
CA GLU A 308 17.82 10.68 14.58
C GLU A 308 17.22 10.89 13.21
N GLU A 309 17.48 9.94 12.31
CA GLU A 309 16.77 9.91 11.04
C GLU A 309 15.25 9.78 11.22
N LEU A 310 14.80 8.93 12.14
CA LEU A 310 13.35 8.78 12.42
C LEU A 310 12.73 10.05 12.96
N ASN A 311 13.49 10.81 13.76
CA ASN A 311 13.09 12.16 14.19
C ASN A 311 12.84 13.12 13.02
N VAL A 312 13.72 13.12 12.02
CA VAL A 312 13.53 14.00 10.86
C VAL A 312 12.29 13.60 10.04
N PHE A 313 12.07 12.29 9.82
CA PHE A 313 10.84 11.83 9.16
C PHE A 313 9.62 12.41 9.88
N HIS A 314 9.60 12.24 11.19
CA HIS A 314 8.53 12.78 12.02
C HIS A 314 8.36 14.28 11.80
N GLU A 315 9.48 15.01 11.85
CA GLU A 315 9.44 16.48 11.70
C GLU A 315 9.00 16.87 10.31
N ARG A 316 9.46 16.15 9.29
CA ARG A 316 9.00 16.44 7.92
C ARG A 316 7.60 15.96 7.59
N GLY A 317 7.03 15.07 8.40
CA GLY A 317 5.76 14.44 8.04
C GLY A 317 5.86 13.34 6.99
N ALA A 318 7.06 12.75 6.84
CA ALA A 318 7.31 11.69 5.87
C ALA A 318 7.00 10.33 6.49
N SER A 319 6.57 9.41 5.64
CA SER A 319 6.08 8.08 6.03
C SER A 319 7.02 6.97 5.55
N ILE A 320 6.89 5.80 6.18
CA ILE A 320 7.59 4.57 5.82
C ILE A 320 6.63 3.46 5.37
N ALA A 321 6.96 2.80 4.27
CA ALA A 321 6.31 1.57 3.82
C ALA A 321 7.09 0.38 4.35
N HIS A 322 6.55 -0.32 5.35
CA HIS A 322 7.20 -1.45 5.94
C HIS A 322 6.93 -2.65 5.04
N CYS A 323 8.01 -3.24 4.53
CA CYS A 323 7.96 -4.30 3.51
C CYS A 323 8.70 -5.51 4.05
N PRO A 324 8.08 -6.24 5.00
CA PRO A 324 8.78 -7.29 5.74
C PRO A 324 9.10 -8.56 4.93
N ASN A 325 8.23 -8.93 4.00
CA ASN A 325 8.54 -10.06 3.12
C ASN A 325 9.86 -9.79 2.36
N SER A 326 9.95 -8.66 1.66
CA SER A 326 11.15 -8.23 0.96
C SER A 326 12.36 -8.24 1.89
N ASN A 327 12.19 -7.69 3.09
CA ASN A 327 13.30 -7.55 4.03
C ASN A 327 13.87 -8.89 4.48
N LEU A 328 13.00 -9.88 4.72
CA LEU A 328 13.47 -11.26 4.93
C LEU A 328 13.95 -11.98 3.66
N SER A 329 13.15 -11.90 2.58
CA SER A 329 13.40 -12.63 1.33
C SER A 329 14.73 -12.28 0.68
N LEU A 330 15.08 -11.00 0.66
CA LEU A 330 16.36 -10.52 0.12
C LEU A 330 17.51 -10.41 1.15
N SER A 331 17.25 -10.87 2.38
CA SER A 331 18.20 -10.81 3.51
C SER A 331 18.68 -9.41 3.78
N SER A 332 17.75 -8.45 3.74
CA SER A 332 18.09 -7.07 3.91
C SER A 332 18.28 -6.70 5.38
N GLY A 333 17.25 -6.96 6.18
CA GLY A 333 17.24 -6.54 7.60
C GLY A 333 15.86 -6.57 8.19
N PHE A 334 15.68 -5.89 9.32
CA PHE A 334 14.41 -5.80 10.06
C PHE A 334 14.02 -4.32 10.32
N LEU A 335 12.87 -3.86 9.86
CA LEU A 335 12.39 -2.57 10.39
C LEU A 335 11.86 -2.79 11.84
N ASN A 336 12.42 -2.04 12.79
CA ASN A 336 11.86 -1.99 14.12
C ASN A 336 10.63 -1.06 14.12
N VAL A 337 9.47 -1.64 13.89
CA VAL A 337 8.22 -0.90 13.84
C VAL A 337 7.84 -0.28 15.21
N LEU A 338 8.07 -0.99 16.31
CA LEU A 338 7.82 -0.39 17.64
C LEU A 338 8.53 0.96 17.81
N GLU A 339 9.78 1.01 17.36
CA GLU A 339 10.57 2.22 17.40
C GLU A 339 10.05 3.29 16.44
N VAL A 340 9.64 2.89 15.24
CA VAL A 340 9.04 3.84 14.32
C VAL A 340 7.77 4.47 14.95
N LEU A 341 6.93 3.66 15.57
CA LEU A 341 5.74 4.13 16.30
C LEU A 341 6.14 4.97 17.50
N LYS A 342 7.15 4.55 18.23
CA LYS A 342 7.66 5.33 19.38
C LYS A 342 8.03 6.76 18.94
N HIS A 343 8.65 6.86 17.77
CA HIS A 343 9.04 8.13 17.17
C HIS A 343 7.91 8.88 16.47
N GLU A 344 6.73 8.28 16.42
CA GLU A 344 5.56 8.89 15.78
C GLU A 344 5.81 9.25 14.35
N VAL A 345 6.39 8.30 13.62
CA VAL A 345 6.51 8.38 12.15
C VAL A 345 5.34 7.58 11.55
N LYS A 346 4.69 8.14 10.55
CA LYS A 346 3.57 7.49 9.90
C LYS A 346 4.11 6.23 9.22
N ILE A 347 3.31 5.18 9.18
CA ILE A 347 3.78 3.89 8.72
C ILE A 347 2.62 3.00 8.25
N GLY A 348 2.81 2.45 7.06
CA GLY A 348 1.93 1.47 6.50
C GLY A 348 2.73 0.21 6.21
N LEU A 349 2.06 -0.77 5.62
CA LEU A 349 2.67 -2.01 5.19
C LEU A 349 2.65 -2.04 3.69
N GLY A 350 3.66 -2.69 3.13
CA GLY A 350 3.74 -2.87 1.70
C GLY A 350 4.08 -4.31 1.37
N THR A 351 3.79 -4.63 0.13
CA THR A 351 4.09 -5.90 -0.45
C THR A 351 5.51 -5.85 -1.08
N ASP A 352 5.88 -4.73 -1.68
CA ASP A 352 7.12 -4.62 -2.49
C ASP A 352 7.35 -5.78 -3.50
N VAL A 353 6.28 -6.19 -4.18
CA VAL A 353 6.45 -7.08 -5.33
C VAL A 353 7.53 -6.41 -6.19
N ALA A 354 8.60 -7.11 -6.62
CA ALA A 354 8.82 -8.55 -6.46
C ALA A 354 9.93 -8.94 -5.47
N GLY A 355 10.56 -7.96 -4.82
CA GLY A 355 11.57 -8.26 -3.79
C GLY A 355 10.92 -9.03 -2.65
N GLY A 356 9.68 -8.68 -2.33
CA GLY A 356 8.82 -9.52 -1.52
C GLY A 356 7.98 -10.33 -2.47
N TYR A 357 7.90 -11.63 -2.28
CA TYR A 357 7.38 -12.50 -3.35
C TYR A 357 5.85 -12.56 -3.45
N SER A 358 5.15 -12.20 -2.37
CA SER A 358 3.69 -12.24 -2.32
C SER A 358 3.05 -10.94 -2.79
N TYR A 359 1.95 -11.09 -3.54
CA TYR A 359 1.14 -9.95 -3.99
C TYR A 359 0.10 -9.54 -2.93
N SER A 360 -0.01 -10.36 -1.87
CA SER A 360 -1.05 -10.24 -0.90
C SER A 360 -0.66 -9.45 0.36
N MET A 361 -1.47 -8.45 0.68
CA MET A 361 -1.36 -7.68 1.95
C MET A 361 -1.67 -8.51 3.18
N LEU A 362 -2.34 -9.62 3.00
CA LEU A 362 -2.48 -10.60 4.06
C LEU A 362 -1.10 -11.19 4.43
N ASP A 363 -0.29 -11.47 3.41
CA ASP A 363 1.07 -11.91 3.67
C ASP A 363 1.85 -10.81 4.37
N ALA A 364 1.67 -9.57 3.93
CA ALA A 364 2.36 -8.46 4.51
C ALA A 364 2.06 -8.38 5.99
N ILE A 365 0.78 -8.58 6.37
CA ILE A 365 0.37 -8.57 7.77
C ILE A 365 1.05 -9.65 8.58
N ARG A 366 0.99 -10.87 8.07
CA ARG A 366 1.58 -11.99 8.76
C ARG A 366 3.09 -11.86 8.94
N ARG A 367 3.75 -11.37 7.89
CA ARG A 367 5.21 -11.15 7.90
C ARG A 367 5.59 -10.06 8.86
N ALA A 368 4.81 -8.96 8.91
CA ALA A 368 5.00 -7.89 9.89
C ALA A 368 4.88 -8.39 11.31
N VAL A 369 3.90 -9.24 11.59
CA VAL A 369 3.81 -9.82 12.92
C VAL A 369 5.12 -10.57 13.27
N MET A 370 5.54 -11.41 12.35
CA MET A 370 6.66 -12.30 12.51
C MET A 370 8.00 -11.55 12.71
N VAL A 371 8.21 -10.48 11.94
CA VAL A 371 9.37 -9.64 12.11
C VAL A 371 9.37 -8.92 13.50
N SER A 372 8.19 -8.58 14.04
CA SER A 372 8.15 -7.96 15.35
C SER A 372 8.52 -9.02 16.39
N ASN A 373 8.17 -10.29 16.09
CA ASN A 373 8.57 -11.41 16.93
C ASN A 373 10.08 -11.69 16.92
N ILE A 374 10.70 -11.52 15.76
CA ILE A 374 12.15 -11.68 15.60
C ILE A 374 12.89 -10.73 16.54
N LEU A 375 12.45 -9.47 16.59
CA LEU A 375 13.04 -8.46 17.46
C LEU A 375 12.78 -8.68 18.97
N LEU A 376 11.68 -9.32 19.31
CA LEU A 376 11.47 -9.84 20.66
C LEU A 376 12.42 -11.00 20.96
N ILE A 377 12.48 -11.99 20.07
CA ILE A 377 13.36 -13.18 20.28
C ILE A 377 14.80 -12.76 20.55
N ASN A 378 15.27 -11.75 19.81
CA ASN A 378 16.63 -11.26 19.88
C ASN A 378 16.85 -10.19 20.93
N LYS A 379 15.80 -9.92 21.70
CA LYS A 379 15.83 -8.96 22.80
C LYS A 379 16.15 -7.53 22.39
N VAL A 380 15.91 -7.18 21.13
CA VAL A 380 15.95 -5.79 20.67
C VAL A 380 14.77 -5.02 21.27
N ASN A 381 13.57 -5.60 21.26
CA ASN A 381 12.40 -5.00 21.91
C ASN A 381 11.95 -5.90 23.05
N GLU A 382 11.17 -5.33 23.95
CA GLU A 382 10.63 -6.04 25.10
C GLU A 382 9.26 -6.64 24.78
N LYS A 383 8.68 -6.24 23.66
CA LYS A 383 7.39 -6.75 23.25
C LYS A 383 7.39 -6.93 21.75
N SER A 384 6.40 -7.64 21.26
CA SER A 384 6.15 -7.73 19.85
C SER A 384 4.87 -6.95 19.56
N LEU A 385 4.48 -6.91 18.29
CA LEU A 385 3.25 -6.24 17.85
C LEU A 385 2.15 -7.27 17.82
N THR A 386 0.94 -6.88 18.20
CA THR A 386 -0.21 -7.79 18.09
C THR A 386 -0.72 -7.85 16.65
N LEU A 387 -1.40 -8.93 16.30
CA LEU A 387 -2.06 -9.06 15.00
C LEU A 387 -3.02 -7.89 14.68
N LYS A 388 -3.76 -7.43 15.69
CA LYS A 388 -4.70 -6.29 15.52
C LYS A 388 -4.00 -4.97 15.21
N GLU A 389 -2.85 -4.73 15.84
CA GLU A 389 -2.05 -3.55 15.52
C GLU A 389 -1.56 -3.57 14.09
N VAL A 390 -1.16 -4.74 13.63
CA VAL A 390 -0.70 -4.92 12.25
C VAL A 390 -1.86 -4.82 11.26
N PHE A 391 -3.02 -5.38 11.62
CA PHE A 391 -4.26 -5.13 10.90
C PHE A 391 -4.47 -3.63 10.74
N ARG A 392 -4.28 -2.86 11.82
CA ARG A 392 -4.41 -1.41 11.76
C ARG A 392 -3.37 -0.80 10.85
N LEU A 393 -2.11 -1.28 10.87
CA LEU A 393 -1.09 -0.78 9.90
C LEU A 393 -1.50 -1.03 8.44
N ALA A 394 -2.05 -2.22 8.19
CA ALA A 394 -2.45 -2.63 6.82
C ALA A 394 -3.60 -1.84 6.23
N THR A 395 -4.36 -1.15 7.08
CA THR A 395 -5.58 -0.46 6.65
C THR A 395 -5.46 1.02 6.98
N LEU A 396 -5.70 1.42 8.23
CA LEU A 396 -5.67 2.84 8.63
C LEU A 396 -4.25 3.48 8.56
N GLY A 397 -3.24 2.75 9.06
CA GLY A 397 -1.85 3.22 9.06
C GLY A 397 -1.34 3.59 7.68
N GLY A 398 -1.53 2.68 6.73
CA GLY A 398 -1.13 2.94 5.37
C GLY A 398 -1.93 3.99 4.64
N SER A 399 -3.20 4.14 5.00
CA SER A 399 -3.99 5.24 4.48
C SER A 399 -3.36 6.58 4.91
N GLN A 400 -2.90 6.66 6.15
CA GLN A 400 -2.16 7.82 6.64
C GLN A 400 -0.75 7.98 6.03
N ALA A 401 0.03 6.89 5.94
CA ALA A 401 1.33 6.93 5.21
C ALA A 401 1.19 7.55 3.81
N LEU A 402 0.00 7.40 3.22
CA LEU A 402 -0.25 7.91 1.87
C LEU A 402 -1.03 9.26 1.89
N GLY A 403 -1.25 9.81 3.08
CA GLY A 403 -2.02 11.03 3.23
C GLY A 403 -3.48 10.91 2.80
N LEU A 404 -4.04 9.69 2.86
CA LEU A 404 -5.40 9.45 2.42
C LEU A 404 -6.29 9.01 3.55
N ASP A 405 -5.85 9.19 4.79
CA ASP A 405 -6.60 8.77 5.97
C ASP A 405 -7.90 9.55 6.25
N GLY A 406 -8.08 10.70 5.58
CA GLY A 406 -9.34 11.44 5.63
C GLY A 406 -10.43 10.89 4.70
N GLU A 407 -10.04 10.12 3.68
CA GLU A 407 -10.99 9.52 2.74
C GLU A 407 -11.15 8.01 2.90
N ILE A 408 -10.13 7.31 3.40
CA ILE A 408 -10.14 5.82 3.47
C ILE A 408 -9.50 5.28 4.74
N GLY A 409 -9.49 3.94 4.87
CA GLY A 409 -8.75 3.26 5.95
C GLY A 409 -9.58 2.65 7.07
N ASN A 410 -10.76 3.20 7.26
CA ASN A 410 -11.72 2.63 8.19
C ASN A 410 -13.17 3.05 7.86
N PHE A 411 -14.10 2.64 8.70
CA PHE A 411 -15.52 2.87 8.47
C PHE A 411 -15.99 4.07 9.30
N GLU A 412 -15.68 5.27 8.81
CA GLU A 412 -16.12 6.50 9.45
C GLU A 412 -17.02 7.19 8.48
N VAL A 413 -18.15 7.68 8.99
CA VAL A 413 -19.07 8.48 8.19
C VAL A 413 -18.29 9.58 7.49
N GLY A 414 -18.54 9.77 6.20
CA GLY A 414 -17.84 10.76 5.41
C GLY A 414 -16.82 10.12 4.50
N LYS A 415 -16.39 8.90 4.86
CA LYS A 415 -15.31 8.23 4.15
C LYS A 415 -15.81 7.51 2.93
N GLU A 416 -14.90 7.24 2.02
CA GLU A 416 -15.19 6.39 0.88
C GLU A 416 -15.44 4.97 1.35
N PHE A 417 -16.30 4.25 0.62
CA PHE A 417 -16.53 2.84 0.91
C PHE A 417 -15.54 1.93 0.13
N ASP A 418 -14.35 1.82 0.72
CA ASP A 418 -13.30 0.89 0.30
C ASP A 418 -13.35 -0.30 1.24
N ALA A 419 -13.81 -1.43 0.73
CA ALA A 419 -14.22 -2.49 1.62
C ALA A 419 -14.17 -3.83 0.95
N ILE A 420 -13.90 -4.82 1.77
CA ILE A 420 -13.85 -6.19 1.31
C ILE A 420 -14.77 -7.00 2.22
N LEU A 421 -15.55 -7.87 1.58
CA LEU A 421 -16.45 -8.78 2.26
C LEU A 421 -15.77 -10.12 2.46
N ILE A 422 -15.55 -10.48 3.72
CA ILE A 422 -14.97 -11.76 4.11
C ILE A 422 -16.03 -12.84 4.49
N ASN A 423 -15.95 -13.95 3.78
CA ASN A 423 -16.67 -15.13 4.09
C ASN A 423 -15.68 -16.27 4.29
N PRO A 424 -15.40 -16.59 5.56
CA PRO A 424 -14.49 -17.66 5.94
C PRO A 424 -14.99 -19.08 5.68
N LYS A 425 -16.27 -19.19 5.31
CA LYS A 425 -16.91 -20.45 4.93
C LYS A 425 -17.22 -20.45 3.43
N ALA A 426 -16.52 -19.63 2.65
CA ALA A 426 -16.66 -19.60 1.20
C ALA A 426 -16.36 -20.97 0.56
N SER A 427 -16.76 -21.11 -0.69
CA SER A 427 -16.49 -22.33 -1.40
C SER A 427 -15.00 -22.55 -1.47
N ASP A 428 -14.60 -23.75 -1.05
CA ASP A 428 -13.21 -24.21 -1.13
C ASP A 428 -12.33 -23.42 -0.18
N SER A 429 -12.96 -22.74 0.78
CA SER A 429 -12.26 -21.96 1.80
C SER A 429 -11.01 -22.67 2.34
N PRO A 430 -9.90 -21.93 2.48
CA PRO A 430 -8.74 -22.47 3.17
C PRO A 430 -8.93 -22.63 4.71
N ILE A 431 -10.05 -22.14 5.24
CA ILE A 431 -10.30 -22.11 6.69
C ILE A 431 -11.35 -23.13 7.09
N ASP A 432 -11.09 -23.85 8.18
CA ASP A 432 -12.08 -24.69 8.82
C ASP A 432 -12.58 -24.01 10.05
N LEU A 433 -13.87 -23.70 10.08
CA LEU A 433 -14.48 -23.05 11.22
C LEU A 433 -15.10 -24.10 12.12
N PHE A 434 -15.10 -23.86 13.42
CA PHE A 434 -15.69 -24.74 14.41
C PHE A 434 -16.61 -23.92 15.29
N TYR A 435 -17.54 -24.60 15.95
CA TYR A 435 -18.46 -24.00 16.93
C TYR A 435 -17.67 -23.19 17.98
N GLY A 436 -16.53 -23.72 18.40
CA GLY A 436 -15.67 -23.05 19.38
C GLY A 436 -15.13 -21.69 18.98
N ASP A 437 -15.03 -21.42 17.67
CA ASP A 437 -14.52 -20.14 17.14
C ASP A 437 -15.51 -19.01 17.40
N PHE A 438 -16.77 -19.38 17.66
CA PHE A 438 -17.85 -18.42 17.86
C PHE A 438 -18.31 -18.43 19.28
N PHE A 439 -18.18 -19.56 19.96
CA PHE A 439 -18.71 -19.69 21.32
C PHE A 439 -17.70 -20.06 22.43
N GLY A 440 -16.44 -20.25 22.07
CA GLY A 440 -15.38 -20.53 23.06
C GLY A 440 -14.67 -19.32 23.67
N ASP A 441 -13.41 -19.51 24.09
CA ASP A 441 -12.64 -18.48 24.82
C ASP A 441 -11.55 -17.78 24.02
N ILE A 442 -11.39 -18.11 22.74
CA ILE A 442 -10.44 -17.42 21.91
C ILE A 442 -11.21 -16.26 21.27
N SER A 443 -10.88 -15.07 21.72
CA SER A 443 -11.49 -13.81 21.28
C SER A 443 -11.16 -13.50 19.80
N GLU A 444 -12.20 -13.09 19.08
CA GLU A 444 -12.25 -12.94 17.62
C GLU A 444 -11.42 -13.97 16.82
N ALA A 445 -11.65 -15.22 17.20
CA ALA A 445 -11.04 -16.41 16.64
C ALA A 445 -11.23 -16.54 15.16
N VAL A 446 -12.41 -16.15 14.68
CA VAL A 446 -12.73 -16.21 13.24
C VAL A 446 -12.00 -15.13 12.40
N ILE A 447 -11.88 -13.94 12.94
CA ILE A 447 -11.12 -12.88 12.28
C ILE A 447 -9.62 -13.29 12.19
N GLN A 448 -9.07 -13.83 13.28
CA GLN A 448 -7.71 -14.31 13.34
C GLN A 448 -7.44 -15.38 12.30
N LYS A 449 -8.30 -16.41 12.27
CA LYS A 449 -8.21 -17.50 11.28
C LYS A 449 -8.16 -16.94 9.86
N PHE A 450 -8.95 -15.91 9.56
CA PHE A 450 -8.88 -15.27 8.23
C PHE A 450 -7.57 -14.52 7.98
N LEU A 451 -7.09 -13.81 9.00
CA LEU A 451 -5.88 -13.01 8.84
C LEU A 451 -4.63 -13.89 8.74
N TYR A 452 -4.67 -15.08 9.32
CA TYR A 452 -3.53 -15.97 9.30
C TYR A 452 -3.57 -16.99 8.18
N LEU A 453 -4.78 -17.46 7.82
CA LEU A 453 -4.96 -18.60 6.90
C LEU A 453 -5.81 -18.33 5.66
N GLY A 454 -6.45 -17.16 5.59
CA GLY A 454 -7.33 -16.82 4.50
C GLY A 454 -6.59 -16.49 3.24
N ASP A 455 -7.31 -16.59 2.12
CA ASP A 455 -6.79 -16.13 0.83
C ASP A 455 -7.96 -15.54 0.04
N ASP A 456 -7.76 -15.34 -1.26
CA ASP A 456 -8.72 -14.64 -2.08
C ASP A 456 -10.08 -15.36 -2.18
N ARG A 457 -10.13 -16.65 -1.86
CA ARG A 457 -11.38 -17.39 -1.81
C ARG A 457 -12.33 -16.89 -0.72
N ASN A 458 -11.81 -16.24 0.31
CA ASN A 458 -12.64 -15.69 1.37
C ASN A 458 -13.05 -14.26 1.13
N ILE A 459 -12.53 -13.68 0.06
CA ILE A 459 -12.79 -12.30 -0.29
C ILE A 459 -13.85 -12.32 -1.39
N GLU A 460 -15.12 -12.34 -0.97
CA GLU A 460 -16.24 -12.56 -1.88
C GLU A 460 -16.46 -11.35 -2.76
N GLU A 461 -16.32 -10.17 -2.17
CA GLU A 461 -16.62 -8.89 -2.82
C GLU A 461 -15.64 -7.80 -2.39
N VAL A 462 -15.19 -7.01 -3.36
CA VAL A 462 -14.30 -5.88 -3.11
C VAL A 462 -15.00 -4.60 -3.59
N TYR A 463 -15.01 -3.57 -2.75
CA TYR A 463 -15.58 -2.26 -3.08
C TYR A 463 -14.51 -1.16 -3.02
N VAL A 464 -14.43 -0.33 -4.07
CA VAL A 464 -13.64 0.91 -4.03
C VAL A 464 -14.52 2.13 -4.34
N GLY A 465 -14.51 3.11 -3.45
CA GLY A 465 -15.30 4.32 -3.62
C GLY A 465 -16.80 4.06 -3.74
N GLY A 466 -17.24 2.91 -3.24
CA GLY A 466 -18.65 2.56 -3.19
C GLY A 466 -19.06 1.60 -4.27
N LYS A 467 -18.25 1.44 -5.30
CA LYS A 467 -18.65 0.55 -6.40
C LYS A 467 -17.97 -0.83 -6.30
N GLN A 468 -18.70 -1.86 -6.68
CA GLN A 468 -18.20 -3.22 -6.55
C GLN A 468 -17.25 -3.51 -7.70
N VAL A 469 -15.98 -3.73 -7.36
CA VAL A 469 -14.94 -3.91 -8.38
C VAL A 469 -14.53 -5.37 -8.53
N VAL A 470 -14.93 -6.19 -7.56
CA VAL A 470 -14.74 -7.63 -7.62
C VAL A 470 -16.03 -8.21 -7.04
N PRO A 471 -16.60 -9.25 -7.69
CA PRO A 471 -16.08 -9.96 -8.86
C PRO A 471 -15.95 -9.07 -10.09
N PHE A 472 -15.01 -9.43 -10.97
CA PHE A 472 -14.81 -8.67 -12.21
C PHE A 472 -15.95 -8.94 -13.20
N SER A 473 -16.34 -7.91 -13.95
CA SER A 473 -17.37 -8.05 -14.99
C SER A 473 -16.89 -8.90 -16.18
#